data_2BU3
#
_entry.id   2BU3
#
_cell.length_a   56.253
_cell.length_b   58.259
_cell.length_c   72.561
_cell.angle_alpha   90.00
_cell.angle_beta   108.87
_cell.angle_gamma   90.00
#
_symmetry.space_group_name_H-M   'P 1 21 1'
#
loop_
_entity.id
_entity.type
_entity.pdbx_description
1 polymer 'ALR0975 PROTEIN'
2 non-polymer GAMMA-GLUTAMYLCYSTEINE
3 non-polymer 'CHLORIDE ION'
4 non-polymer 'CALCIUM ION'
5 water water
#
_entity_poly.entity_id   1
_entity_poly.type   'polypeptide(L)'
_entity_poly.pdbx_seq_one_letter_code
;FCLTLRRRYT(MSE)GHHHHHHHHHHSSGHIEGRH(MSE)KLEQTLTLSPNLIGFNSNEGEKLLLTSRSREDFFPLS
(MSE)QFVTQVNQAYCGVASII(MSE)VLNSLGINAPETAQYSPYRVFTQDNFFSNEKTKAVIAPEVVARQG(MSE)TLD
ELGRLIASYGVKVKVNHASDTNIEDFRKQVAENLKQDGNFVIVNYLRKEIGQERGGHISPLAAYNEQTDRFLI(MSE)DV
SRYKYPPVWVKTTDLWKA(MSE)NTVDSVSQKTRGFVFVSKTQDD
;
_entity_poly.pdbx_strand_id   A,B
#
# COMPACT_ATOMS: atom_id res chain seq x y z
N LEU A 40 19.81 3.97 2.44
CA LEU A 40 19.74 4.46 1.03
C LEU A 40 20.97 5.28 0.67
N SER A 41 21.41 5.14 -0.57
CA SER A 41 22.49 5.97 -1.10
C SER A 41 22.05 7.43 -1.13
N PRO A 42 23.00 8.37 -0.92
CA PRO A 42 22.67 9.78 -0.71
C PRO A 42 21.99 10.48 -1.90
N ASN A 43 22.04 9.87 -3.08
CA ASN A 43 21.39 10.42 -4.28
C ASN A 43 19.87 10.17 -4.30
N LEU A 44 19.40 9.30 -3.41
CA LEU A 44 17.97 8.96 -3.31
C LEU A 44 17.36 9.59 -2.08
N ILE A 45 16.08 9.97 -2.19
CA ILE A 45 15.34 10.46 -1.04
C ILE A 45 14.20 9.48 -0.75
N GLY A 46 14.27 8.84 0.41
CA GLY A 46 13.27 7.83 0.76
C GLY A 46 11.93 8.47 1.06
N PHE A 47 10.86 7.80 0.64
CA PHE A 47 9.51 8.23 0.98
C PHE A 47 9.29 8.12 2.49
N ASN A 48 10.06 7.25 3.13
CA ASN A 48 10.04 7.06 4.59
C ASN A 48 10.88 8.09 5.36
N SER A 49 10.80 9.35 4.92
CA SER A 49 11.48 10.46 5.58
C SER A 49 10.62 11.70 5.41
N ASN A 50 10.81 12.68 6.28
CA ASN A 50 10.10 13.94 6.15
C ASN A 50 10.31 14.58 4.78
N GLU A 51 11.55 14.57 4.31
CA GLU A 51 11.90 15.12 3.00
C GLU A 51 11.12 14.39 1.90
N GLY A 52 11.05 13.07 1.98
CA GLY A 52 10.30 12.27 1.01
C GLY A 52 8.80 12.53 1.01
N GLU A 53 8.24 12.76 2.19
CA GLU A 53 6.83 13.13 2.29
C GLU A 53 6.57 14.50 1.67
N LYS A 54 7.46 15.44 1.96
CA LYS A 54 7.32 16.79 1.42
C LYS A 54 7.41 16.84 -0.10
N LEU A 55 8.18 15.95 -0.72
CA LEU A 55 8.24 15.89 -2.17
C LEU A 55 6.92 15.48 -2.78
N LEU A 56 6.16 14.64 -2.08
CA LEU A 56 4.80 14.32 -2.53
C LEU A 56 3.88 15.53 -2.35
N LEU A 57 4.00 16.20 -1.20
CA LEU A 57 3.14 17.34 -0.88
C LEU A 57 3.38 18.54 -1.79
N THR A 58 4.61 18.69 -2.29
CA THR A 58 4.93 19.81 -3.19
C THR A 58 4.88 19.44 -4.69
N SER A 59 4.63 18.16 -4.98
CA SER A 59 4.44 17.70 -6.37
C SER A 59 3.10 18.17 -6.91
N ARG A 60 3.09 18.53 -8.20
CA ARG A 60 1.84 18.81 -8.89
C ARG A 60 1.62 17.82 -10.04
N SER A 61 2.26 16.67 -9.92
CA SER A 61 2.11 15.58 -10.86
C SER A 61 2.07 14.30 -10.04
N ARG A 62 0.95 14.07 -9.39
CA ARG A 62 0.91 13.06 -8.33
C ARG A 62 -0.39 12.28 -8.25
N GLU A 63 -1.29 12.48 -9.20
CA GLU A 63 -2.56 11.75 -9.13
C GLU A 63 -2.37 10.25 -9.01
N ASP A 64 -1.42 9.69 -9.75
CA ASP A 64 -1.30 8.23 -9.77
C ASP A 64 -0.86 7.63 -8.44
N PHE A 65 -0.26 8.45 -7.57
CA PHE A 65 0.09 7.97 -6.23
C PHE A 65 -1.12 7.40 -5.50
N PHE A 66 -2.27 8.02 -5.68
CA PHE A 66 -3.42 7.64 -4.90
C PHE A 66 -3.93 6.24 -5.27
N PRO A 67 -4.36 6.01 -6.53
CA PRO A 67 -4.79 4.62 -6.82
C PRO A 67 -3.68 3.57 -6.71
N LEU A 68 -2.43 3.93 -7.03
CA LEU A 68 -1.35 2.95 -6.91
C LEU A 68 -1.06 2.57 -5.45
N SER A 69 -1.00 3.57 -4.58
CA SER A 69 -0.77 3.26 -3.17
C SER A 69 -1.92 2.38 -2.64
N GLN A 71 -3.30 0.04 -4.10
CA GLN A 71 -3.13 -1.33 -4.61
C GLN A 71 -1.74 -1.89 -4.32
N PHE A 72 -0.91 -1.13 -3.59
CA PHE A 72 0.51 -1.48 -3.34
C PHE A 72 0.61 -2.86 -2.72
N VAL A 73 1.50 -3.70 -3.26
CA VAL A 73 1.79 -5.04 -2.73
C VAL A 73 3.28 -5.26 -2.65
N THR A 74 3.67 -6.26 -1.86
CA THR A 74 5.04 -6.75 -1.82
C THR A 74 5.19 -7.89 -2.80
N GLN A 75 6.24 -7.87 -3.62
CA GLN A 75 6.50 -9.01 -4.50
C GLN A 75 6.60 -10.27 -3.64
N VAL A 76 5.96 -11.34 -4.10
CA VAL A 76 5.83 -12.57 -3.30
C VAL A 76 7.14 -13.36 -3.18
N ASN A 77 8.02 -13.16 -4.17
CA ASN A 77 9.35 -13.74 -4.16
C ASN A 77 10.33 -12.80 -4.87
N GLN A 78 11.60 -13.14 -4.86
CA GLN A 78 12.66 -12.24 -5.35
C GLN A 78 12.68 -12.05 -6.87
N ALA A 79 11.86 -12.80 -7.59
CA ALA A 79 11.81 -12.73 -9.06
C ALA A 79 10.51 -12.14 -9.60
N TYR A 80 9.57 -11.82 -8.70
CA TYR A 80 8.21 -11.45 -9.10
C TYR A 80 7.91 -9.95 -9.13
N CYS A 81 8.94 -9.11 -9.15
CA CYS A 81 8.70 -7.66 -9.19
C CYS A 81 7.79 -7.26 -10.34
N GLY A 82 7.96 -7.89 -11.51
CA GLY A 82 7.13 -7.56 -12.65
C GLY A 82 5.69 -7.97 -12.46
N VAL A 83 5.47 -9.13 -11.83
CA VAL A 83 4.11 -9.60 -11.59
C VAL A 83 3.40 -8.68 -10.59
N ALA A 84 4.10 -8.32 -9.52
CA ALA A 84 3.54 -7.40 -8.52
C ALA A 84 3.19 -6.07 -9.18
N SER A 85 4.06 -5.57 -10.04
CA SER A 85 3.82 -4.29 -10.72
C SER A 85 2.62 -4.37 -11.63
N ILE A 86 2.52 -5.46 -12.38
CA ILE A 86 1.40 -5.62 -13.30
C ILE A 86 0.07 -5.66 -12.54
N ILE A 87 -0.01 -6.44 -11.48
CA ILE A 87 -1.31 -6.57 -10.81
C ILE A 87 -1.70 -5.27 -10.11
N VAL A 89 -1.09 -2.28 -11.31
CA VAL A 89 -1.60 -1.44 -12.36
C VAL A 89 -2.95 -1.93 -12.89
N LEU A 90 -3.09 -3.24 -13.08
CA LEU A 90 -4.38 -3.77 -13.54
C LEU A 90 -5.49 -3.45 -12.55
N ASN A 91 -5.23 -3.63 -11.26
CA ASN A 91 -6.23 -3.32 -10.26
C ASN A 91 -6.48 -1.81 -10.20
N SER A 92 -5.44 -1.01 -10.36
CA SER A 92 -5.58 0.45 -10.35
C SER A 92 -6.41 0.94 -11.53
N LEU A 93 -6.33 0.22 -12.64
CA LEU A 93 -7.11 0.52 -13.84
C LEU A 93 -8.54 0.01 -13.79
N GLY A 94 -8.85 -0.78 -12.77
CA GLY A 94 -10.18 -1.37 -12.60
C GLY A 94 -10.44 -2.55 -13.52
N ILE A 95 -9.39 -3.17 -14.03
CA ILE A 95 -9.54 -4.30 -14.97
C ILE A 95 -10.15 -5.50 -14.24
N ASN A 96 -11.23 -6.05 -14.79
CA ASN A 96 -11.83 -7.25 -14.21
C ASN A 96 -11.03 -8.48 -14.60
N ALA A 97 -10.70 -9.30 -13.60
CA ALA A 97 -9.98 -10.54 -13.87
C ALA A 97 -10.90 -11.60 -14.48
N TYR A 106 -16.21 -10.36 -6.05
CA TYR A 106 -15.14 -9.44 -6.43
C TYR A 106 -14.05 -10.20 -7.20
N ARG A 107 -13.58 -9.61 -8.31
CA ARG A 107 -12.75 -10.26 -9.34
C ARG A 107 -11.40 -9.55 -9.57
N VAL A 108 -10.52 -9.64 -8.57
CA VAL A 108 -9.31 -8.83 -8.48
C VAL A 108 -8.04 -9.63 -8.85
N PHE A 109 -7.03 -8.94 -9.37
CA PHE A 109 -5.74 -9.56 -9.67
C PHE A 109 -4.86 -9.67 -8.45
N THR A 110 -4.09 -10.76 -8.45
CA THR A 110 -3.29 -11.16 -7.33
C THR A 110 -2.04 -11.79 -7.96
N GLN A 111 -0.89 -11.72 -7.27
CA GLN A 111 0.29 -12.42 -7.78
C GLN A 111 0.06 -13.92 -7.88
N ASP A 112 -0.71 -14.46 -6.95
CA ASP A 112 -1.04 -15.89 -6.95
C ASP A 112 -2.00 -16.31 -8.07
N ASN A 113 -2.84 -15.39 -8.55
CA ASN A 113 -3.78 -15.74 -9.64
C ASN A 113 -3.42 -15.22 -11.04
N PHE A 114 -2.33 -14.46 -11.13
CA PHE A 114 -1.96 -13.82 -12.39
C PHE A 114 -1.74 -14.80 -13.55
N PHE A 115 -1.11 -15.92 -13.27
CA PHE A 115 -0.82 -16.91 -14.31
C PHE A 115 -1.89 -17.99 -14.45
N SER A 116 -2.97 -17.85 -13.69
CA SER A 116 -4.05 -18.85 -13.69
C SER A 116 -4.93 -18.73 -14.93
N THR A 120 -2.09 -16.10 -20.85
CA THR A 120 -1.04 -15.45 -20.06
C THR A 120 0.19 -16.35 -19.92
N LYS A 121 -0.04 -17.61 -19.54
CA LYS A 121 1.04 -18.61 -19.45
C LYS A 121 1.76 -18.80 -20.78
N ALA A 122 1.02 -18.66 -21.88
CA ALA A 122 1.55 -18.82 -23.23
C ALA A 122 2.52 -17.70 -23.63
N VAL A 123 2.42 -16.53 -22.97
CA VAL A 123 3.37 -15.45 -23.21
C VAL A 123 4.74 -15.84 -22.65
N ILE A 124 4.75 -16.20 -21.36
CA ILE A 124 5.93 -16.72 -20.69
C ILE A 124 5.48 -17.56 -19.50
N ALA A 125 6.09 -18.74 -19.36
CA ALA A 125 5.75 -19.66 -18.29
C ALA A 125 6.16 -19.13 -16.92
N PRO A 126 5.30 -19.35 -15.90
CA PRO A 126 5.63 -18.94 -14.52
C PRO A 126 6.98 -19.48 -14.05
N GLU A 127 7.34 -20.68 -14.50
CA GLU A 127 8.63 -21.29 -14.14
C GLU A 127 9.82 -20.49 -14.65
N VAL A 128 9.67 -19.86 -15.82
CA VAL A 128 10.72 -19.01 -16.36
C VAL A 128 10.80 -17.70 -15.57
N VAL A 129 9.65 -17.08 -15.31
CA VAL A 129 9.61 -15.85 -14.53
C VAL A 129 10.19 -16.06 -13.12
N ALA A 130 9.90 -17.23 -12.52
CA ALA A 130 10.41 -17.53 -11.18
C ALA A 130 11.93 -17.57 -11.11
N ARG A 131 12.58 -17.89 -12.23
CA ARG A 131 14.04 -17.97 -12.28
C ARG A 131 14.70 -16.71 -12.82
N GLN A 132 14.05 -16.03 -13.76
CA GLN A 132 14.68 -14.95 -14.52
C GLN A 132 13.94 -13.62 -14.53
N GLY A 133 12.75 -13.57 -13.95
CA GLY A 133 11.92 -12.38 -14.07
C GLY A 133 11.41 -12.23 -15.48
N THR A 135 11.52 -9.52 -19.18
CA THR A 135 12.06 -8.39 -19.92
C THR A 135 10.98 -7.33 -20.13
N LEU A 136 11.41 -6.14 -20.56
CA LEU A 136 10.49 -5.05 -20.85
C LEU A 136 9.42 -5.48 -21.86
N ASP A 137 9.85 -6.14 -22.94
CA ASP A 137 8.90 -6.59 -23.96
C ASP A 137 7.93 -7.67 -23.45
N GLU A 138 8.42 -8.56 -22.59
CA GLU A 138 7.58 -9.59 -21.99
C GLU A 138 6.55 -8.99 -21.05
N LEU A 139 6.99 -8.00 -20.28
CA LEU A 139 6.08 -7.22 -19.42
C LEU A 139 4.93 -6.66 -20.28
N GLY A 140 5.26 -6.03 -21.40
CA GLY A 140 4.25 -5.49 -22.31
C GLY A 140 3.26 -6.56 -22.77
N ARG A 141 3.79 -7.69 -23.23
CA ARG A 141 2.93 -8.76 -23.75
C ARG A 141 2.07 -9.41 -22.66
N LEU A 142 2.60 -9.51 -21.45
CA LEU A 142 1.83 -10.08 -20.34
C LEU A 142 0.63 -9.19 -19.99
N ILE A 143 0.86 -7.88 -19.93
CA ILE A 143 -0.23 -6.91 -19.73
C ILE A 143 -1.26 -7.02 -20.86
N ALA A 144 -0.77 -7.03 -22.10
CA ALA A 144 -1.61 -7.10 -23.29
C ALA A 144 -2.43 -8.40 -23.37
N SER A 145 -2.00 -9.44 -22.66
CA SER A 145 -2.70 -10.73 -22.65
C SER A 145 -4.05 -10.65 -21.94
N TYR A 146 -4.24 -9.59 -21.15
CA TYR A 146 -5.52 -9.35 -20.49
C TYR A 146 -6.34 -8.28 -21.22
N GLY A 147 -5.92 -7.95 -22.44
CA GLY A 147 -6.67 -7.06 -23.32
C GLY A 147 -6.54 -5.58 -23.02
N VAL A 148 -5.47 -5.22 -22.30
CA VAL A 148 -5.22 -3.81 -21.98
C VAL A 148 -4.21 -3.23 -22.96
N LYS A 149 -4.29 -1.93 -23.20
CA LYS A 149 -3.40 -1.25 -24.13
C LYS A 149 -2.05 -0.93 -23.47
N VAL A 150 -0.99 -1.22 -24.20
CA VAL A 150 0.37 -0.98 -23.73
C VAL A 150 1.18 -0.26 -24.82
N LYS A 151 1.99 0.70 -24.39
CA LYS A 151 2.99 1.30 -25.26
C LYS A 151 4.36 1.08 -24.60
N VAL A 152 5.19 0.27 -25.23
CA VAL A 152 6.50 -0.08 -24.71
C VAL A 152 7.52 0.89 -25.27
N ASN A 153 8.31 1.50 -24.38
CA ASN A 153 9.32 2.47 -24.77
C ASN A 153 10.70 2.04 -24.31
N HIS A 154 11.48 1.47 -25.22
CA HIS A 154 12.88 1.20 -24.93
C HIS A 154 13.65 2.51 -24.91
N ALA A 155 14.58 2.64 -23.96
CA ALA A 155 15.41 3.85 -23.89
C ALA A 155 16.12 4.17 -25.20
N SER A 156 16.53 3.13 -25.93
CA SER A 156 17.24 3.33 -27.20
C SER A 156 16.40 4.05 -28.25
N ASP A 157 15.08 4.10 -28.06
CA ASP A 157 14.19 4.72 -29.04
C ASP A 157 13.63 6.08 -28.61
N THR A 158 14.10 6.56 -27.47
CA THR A 158 13.62 7.84 -26.97
C THR A 158 14.77 8.58 -26.27
N ASN A 159 14.42 9.54 -25.42
CA ASN A 159 15.42 10.41 -24.80
C ASN A 159 14.89 10.91 -23.48
N ILE A 160 15.80 11.46 -22.67
CA ILE A 160 15.45 11.89 -21.33
C ILE A 160 14.36 12.98 -21.33
N GLU A 161 14.38 13.89 -22.29
CA GLU A 161 13.38 14.97 -22.31
C GLU A 161 11.98 14.45 -22.56
N ASP A 162 11.85 13.55 -23.53
CA ASP A 162 10.55 12.97 -23.85
C ASP A 162 10.08 12.01 -22.76
N PHE A 163 10.98 11.24 -22.17
CA PHE A 163 10.63 10.45 -21.00
C PHE A 163 10.03 11.35 -19.92
N ARG A 164 10.75 12.40 -19.54
CA ARG A 164 10.27 13.25 -18.46
C ARG A 164 8.93 13.87 -18.79
N LYS A 165 8.82 14.47 -19.97
CA LYS A 165 7.59 15.16 -20.38
C LYS A 165 6.37 14.23 -20.41
N GLN A 166 6.52 13.10 -21.11
CA GLN A 166 5.40 12.21 -21.31
C GLN A 166 5.00 11.54 -19.99
N VAL A 167 5.99 11.13 -19.20
CA VAL A 167 5.68 10.48 -17.92
C VAL A 167 5.09 11.46 -16.91
N ALA A 168 5.65 12.65 -16.80
CA ALA A 168 5.09 13.65 -15.87
C ALA A 168 3.63 13.97 -16.23
N GLU A 169 3.32 14.06 -17.53
CA GLU A 169 1.94 14.30 -17.95
C GLU A 169 1.05 13.11 -17.60
N ASN A 170 1.54 11.90 -17.83
CA ASN A 170 0.80 10.70 -17.50
C ASN A 170 0.48 10.67 -15.99
N LEU A 171 1.44 11.03 -15.15
CA LEU A 171 1.24 10.90 -13.71
C LEU A 171 0.14 11.81 -13.17
N LYS A 172 -0.22 12.85 -13.93
CA LYS A 172 -1.32 13.76 -13.57
C LYS A 172 -2.68 13.14 -13.88
N GLN A 173 -2.69 12.04 -14.62
CA GLN A 173 -3.92 11.46 -15.14
C GLN A 173 -4.25 10.14 -14.48
N ASP A 174 -5.46 10.03 -13.94
CA ASP A 174 -6.01 8.74 -13.55
C ASP A 174 -6.36 7.97 -14.82
N GLY A 175 -6.52 6.66 -14.72
CA GLY A 175 -6.96 5.89 -15.89
C GLY A 175 -5.84 5.46 -16.82
N ASN A 176 -4.61 5.76 -16.44
CA ASN A 176 -3.44 5.27 -17.16
C ASN A 176 -2.26 5.34 -16.22
N PHE A 177 -1.24 4.51 -16.48
CA PHE A 177 -0.13 4.35 -15.53
C PHE A 177 1.16 4.06 -16.25
N VAL A 178 2.25 4.18 -15.49
CA VAL A 178 3.61 3.97 -16.01
C VAL A 178 4.34 2.97 -15.14
N ILE A 179 4.97 1.99 -15.78
CA ILE A 179 5.86 1.03 -15.11
C ILE A 179 7.24 1.21 -15.71
N VAL A 180 8.26 1.26 -14.85
CA VAL A 180 9.65 1.37 -15.30
C VAL A 180 10.44 0.08 -15.06
N ASN A 181 11.41 -0.15 -15.93
CA ASN A 181 12.35 -1.26 -15.86
C ASN A 181 13.73 -0.65 -15.88
N TYR A 182 14.53 -0.90 -14.85
CA TYR A 182 15.79 -0.19 -14.67
C TYR A 182 16.80 -1.03 -13.91
N LEU A 183 18.08 -0.70 -14.09
CA LEU A 183 19.16 -1.37 -13.40
C LEU A 183 19.38 -0.70 -12.04
N ARG A 184 19.20 -1.44 -10.96
CA ARG A 184 19.27 -0.85 -9.62
C ARG A 184 20.62 -0.22 -9.30
N LYS A 185 21.70 -0.87 -9.73
CA LYS A 185 23.05 -0.40 -9.46
C LYS A 185 23.24 1.05 -9.92
N GLU A 186 22.57 1.41 -11.02
CA GLU A 186 22.73 2.74 -11.60
C GLU A 186 22.02 3.85 -10.83
N ILE A 187 21.10 3.50 -9.93
CA ILE A 187 20.50 4.50 -9.03
C ILE A 187 21.02 4.38 -7.60
N GLY A 188 22.02 3.53 -7.40
CA GLY A 188 22.68 3.39 -6.09
C GLY A 188 22.04 2.35 -5.21
N GLN A 189 21.31 1.42 -5.81
CA GLN A 189 20.69 0.34 -5.07
C GLN A 189 21.26 -1.01 -5.44
N GLU A 190 20.97 -2.01 -4.61
CA GLU A 190 21.55 -3.32 -4.80
C GLU A 190 20.62 -4.17 -5.61
N ARG A 191 21.12 -4.50 -6.80
CA ARG A 191 20.56 -5.53 -7.61
C ARG A 191 20.77 -5.26 -9.08
N GLY A 192 20.28 -6.21 -9.85
CA GLY A 192 20.24 -6.10 -11.26
C GLY A 192 18.96 -5.39 -11.65
N GLY A 193 18.40 -5.86 -12.75
CA GLY A 193 17.21 -5.27 -13.33
C GLY A 193 16.01 -5.41 -12.44
N HIS A 194 15.25 -4.32 -12.31
CA HIS A 194 14.07 -4.28 -11.47
C HIS A 194 12.91 -3.67 -12.25
N ILE A 195 11.69 -3.92 -11.77
CA ILE A 195 10.47 -3.37 -12.36
C ILE A 195 9.62 -2.85 -11.22
N SER A 196 9.12 -1.62 -11.34
CA SER A 196 8.12 -1.09 -10.41
C SER A 196 7.35 0.07 -11.05
N PRO A 197 6.13 0.35 -10.56
CA PRO A 197 5.40 1.50 -11.07
C PRO A 197 5.96 2.83 -10.60
N LEU A 198 5.70 3.88 -11.39
CA LEU A 198 5.96 5.26 -10.97
C LEU A 198 4.67 5.90 -10.48
N ALA A 199 4.77 6.72 -9.43
CA ALA A 199 3.59 7.31 -8.79
C ALA A 199 3.47 8.82 -8.94
N ALA A 200 4.60 9.52 -8.96
CA ALA A 200 4.58 10.97 -8.90
C ALA A 200 5.87 11.56 -9.42
N TYR A 201 5.81 12.84 -9.76
CA TYR A 201 6.95 13.59 -10.24
C TYR A 201 7.00 14.90 -9.48
N ASN A 202 8.16 15.19 -8.89
CA ASN A 202 8.38 16.47 -8.22
C ASN A 202 9.17 17.39 -9.11
N GLU A 203 8.51 18.46 -9.54
CA GLU A 203 9.02 19.38 -10.53
C GLU A 203 10.24 20.16 -10.02
N GLN A 204 10.16 20.60 -8.77
CA GLN A 204 11.21 21.43 -8.16
C GLN A 204 12.56 20.71 -8.07
N THR A 205 12.53 19.41 -7.80
CA THR A 205 13.75 18.62 -7.63
C THR A 205 14.06 17.70 -8.81
N ASP A 206 13.17 17.65 -9.80
CA ASP A 206 13.28 16.77 -10.96
C ASP A 206 13.48 15.31 -10.53
N ARG A 207 12.57 14.83 -9.68
CA ARG A 207 12.62 13.47 -9.15
C ARG A 207 11.31 12.74 -9.38
N PHE A 208 11.41 11.44 -9.69
CA PHE A 208 10.24 10.58 -9.82
C PHE A 208 10.14 9.64 -8.61
N LEU A 209 8.91 9.35 -8.19
CA LEU A 209 8.65 8.44 -7.08
C LEU A 209 8.42 7.02 -7.58
N ILE A 210 9.33 6.11 -7.25
CA ILE A 210 9.20 4.70 -7.61
C ILE A 210 8.49 3.95 -6.47
N ASP A 212 8.35 1.00 -5.10
CA ASP A 212 9.18 -0.21 -5.14
C ASP A 212 8.48 -1.40 -4.47
N VAL A 213 8.17 -2.41 -5.28
CA VAL A 213 7.46 -3.59 -4.78
C VAL A 213 8.32 -4.51 -3.90
N SER A 214 9.63 -4.24 -3.80
CA SER A 214 10.49 -4.97 -2.86
C SER A 214 10.36 -4.36 -1.48
N ARG A 215 9.16 -4.40 -0.92
CA ARG A 215 8.85 -3.61 0.28
C ARG A 215 9.63 -4.05 1.53
N TYR A 216 10.06 -5.31 1.54
CA TYR A 216 10.91 -5.86 2.62
C TYR A 216 12.33 -5.30 2.61
N LYS A 217 12.75 -4.74 1.47
CA LYS A 217 14.15 -4.33 1.25
C LYS A 217 14.34 -2.81 1.20
N TYR A 218 13.45 -2.13 0.47
CA TYR A 218 13.56 -0.69 0.26
C TYR A 218 12.18 -0.05 0.37
N PRO A 219 12.13 1.21 0.83
CA PRO A 219 10.91 2.00 0.75
C PRO A 219 10.76 2.52 -0.68
N PRO A 220 9.60 3.14 -0.99
CA PRO A 220 9.53 3.91 -2.23
C PRO A 220 10.60 5.01 -2.17
N VAL A 221 11.17 5.34 -3.33
CA VAL A 221 12.24 6.34 -3.37
C VAL A 221 11.98 7.39 -4.44
N TRP A 222 12.43 8.61 -4.16
CA TRP A 222 12.46 9.69 -5.13
C TRP A 222 13.82 9.70 -5.80
N VAL A 223 13.83 9.42 -7.09
CA VAL A 223 15.06 9.29 -7.89
C VAL A 223 15.15 10.44 -8.89
N LYS A 224 16.33 11.03 -9.01
CA LYS A 224 16.55 12.07 -10.01
C LYS A 224 16.29 11.50 -11.41
N THR A 225 15.63 12.30 -12.25
CA THR A 225 15.38 11.87 -13.62
C THR A 225 16.67 11.42 -14.33
N THR A 226 17.75 12.14 -14.11
CA THR A 226 19.00 11.78 -14.78
C THR A 226 19.49 10.39 -14.38
N ASP A 227 19.30 10.04 -13.10
CA ASP A 227 19.73 8.72 -12.62
C ASP A 227 18.79 7.62 -13.12
N LEU A 228 17.50 7.89 -13.10
CA LEU A 228 16.54 6.92 -13.60
C LEU A 228 16.72 6.68 -15.11
N TRP A 229 16.97 7.76 -15.85
CA TRP A 229 17.27 7.63 -17.27
C TRP A 229 18.51 6.76 -17.51
N LYS A 230 19.59 7.06 -16.79
CA LYS A 230 20.81 6.26 -16.92
C LYS A 230 20.54 4.78 -16.62
N ALA A 231 19.70 4.54 -15.63
CA ALA A 231 19.39 3.18 -15.21
C ALA A 231 18.51 2.42 -16.21
N ASN A 233 18.59 3.25 -19.51
CA ASN A 233 19.40 3.23 -20.72
C ASN A 233 20.57 2.28 -20.56
N THR A 234 20.24 1.05 -20.17
CA THR A 234 21.19 -0.03 -19.94
C THR A 234 20.68 -1.25 -20.72
N VAL A 235 21.59 -2.10 -21.18
CA VAL A 235 21.22 -3.28 -21.93
C VAL A 235 20.97 -4.47 -20.99
N ASP A 236 19.78 -5.04 -21.11
CA ASP A 236 19.40 -6.24 -20.39
C ASP A 236 19.97 -7.42 -21.17
N SER A 237 20.81 -8.21 -20.54
CA SER A 237 21.46 -9.33 -21.24
C SER A 237 20.46 -10.37 -21.75
N VAL A 238 19.32 -10.50 -21.08
CA VAL A 238 18.28 -11.44 -21.49
C VAL A 238 17.68 -11.07 -22.84
N SER A 239 17.33 -9.79 -23.00
CA SER A 239 16.69 -9.33 -24.23
C SER A 239 17.71 -8.88 -25.30
N GLN A 240 18.90 -8.50 -24.84
CA GLN A 240 19.88 -7.77 -25.67
C GLN A 240 19.30 -6.45 -26.21
N LYS A 241 18.36 -5.90 -25.45
CA LYS A 241 17.76 -4.61 -25.76
C LYS A 241 17.88 -3.74 -24.52
N THR A 242 17.71 -2.44 -24.67
CA THR A 242 17.71 -1.56 -23.52
C THR A 242 16.48 -1.79 -22.66
N ARG A 243 16.58 -1.36 -21.41
CA ARG A 243 15.43 -1.27 -20.51
C ARG A 243 14.59 -0.04 -20.91
N GLY A 244 13.70 0.41 -20.03
CA GLY A 244 12.80 1.48 -20.42
C GLY A 244 11.53 1.51 -19.60
N PHE A 245 10.44 1.91 -20.24
CA PHE A 245 9.19 2.19 -19.54
C PHE A 245 8.00 1.82 -20.40
N VAL A 246 6.87 1.53 -19.74
CA VAL A 246 5.66 1.16 -20.43
C VAL A 246 4.52 2.04 -19.95
N PHE A 247 3.71 2.53 -20.89
CA PHE A 247 2.45 3.21 -20.57
C PHE A 247 1.33 2.21 -20.67
N VAL A 248 0.45 2.19 -19.67
CA VAL A 248 -0.65 1.22 -19.63
C VAL A 248 -1.98 1.95 -19.49
N SER A 249 -2.95 1.60 -20.34
CA SER A 249 -4.28 2.21 -20.32
C SER A 249 -5.30 1.20 -20.85
N LYS A 250 -6.59 1.52 -20.70
CA LYS A 250 -7.65 0.69 -21.30
C LYS A 250 -7.71 0.89 -22.81
N ASN B 43 -22.41 9.55 2.35
CA ASN B 43 -21.83 10.12 3.61
C ASN B 43 -20.33 9.84 3.74
N LEU B 44 -19.82 9.01 2.84
CA LEU B 44 -18.40 8.67 2.81
C LEU B 44 -17.73 9.31 1.60
N ILE B 45 -16.46 9.67 1.76
CA ILE B 45 -15.69 10.23 0.65
C ILE B 45 -14.52 9.30 0.35
N GLY B 46 -14.52 8.74 -0.86
CA GLY B 46 -13.45 7.87 -1.30
C GLY B 46 -12.13 8.60 -1.47
N PHE B 47 -11.04 7.90 -1.13
CA PHE B 47 -9.72 8.50 -1.13
C PHE B 47 -9.26 8.99 -2.52
N ASN B 48 -9.46 8.19 -3.56
CA ASN B 48 -9.08 8.60 -4.91
C ASN B 48 -10.17 9.48 -5.52
N SER B 49 -10.16 10.74 -5.11
CA SER B 49 -11.06 11.73 -5.68
C SER B 49 -10.45 13.07 -5.37
N ASN B 50 -10.89 14.12 -6.07
CA ASN B 50 -10.39 15.44 -5.78
C ASN B 50 -10.63 15.76 -4.31
N GLU B 51 -11.82 15.47 -3.81
CA GLU B 51 -12.15 15.76 -2.42
C GLU B 51 -11.36 14.90 -1.44
N GLY B 52 -11.24 13.60 -1.73
CA GLY B 52 -10.53 12.69 -0.84
C GLY B 52 -9.06 13.02 -0.72
N GLU B 53 -8.47 13.49 -1.82
CA GLU B 53 -7.09 13.94 -1.80
C GLU B 53 -6.94 15.26 -1.07
N LYS B 54 -7.87 16.18 -1.29
CA LYS B 54 -7.87 17.47 -0.61
C LYS B 54 -7.93 17.30 0.90
N LEU B 55 -8.71 16.33 1.37
CA LEU B 55 -8.83 16.13 2.82
C LEU B 55 -7.51 15.65 3.43
N LEU B 56 -6.72 14.90 2.67
CA LEU B 56 -5.39 14.53 3.14
C LEU B 56 -4.45 15.75 3.10
N LEU B 57 -4.49 16.49 1.99
CA LEU B 57 -3.59 17.62 1.82
C LEU B 57 -3.82 18.73 2.85
N THR B 58 -5.07 18.87 3.30
CA THR B 58 -5.42 19.91 4.26
C THR B 58 -5.44 19.39 5.71
N SER B 59 -5.18 18.10 5.88
CA SER B 59 -5.11 17.51 7.22
C SER B 59 -3.83 17.90 7.93
N ARG B 60 -3.94 18.21 9.22
CA ARG B 60 -2.76 18.46 10.06
C ARG B 60 -2.57 17.37 11.11
N SER B 61 -3.27 16.24 10.90
CA SER B 61 -3.16 15.06 11.75
C SER B 61 -3.09 13.84 10.84
N ARG B 62 -1.94 13.68 10.18
CA ARG B 62 -1.82 12.69 9.11
C ARG B 62 -0.48 11.97 9.13
N GLU B 63 0.21 12.03 10.27
CA GLU B 63 1.50 11.36 10.43
C GLU B 63 1.51 9.91 9.96
N ASP B 64 0.48 9.17 10.32
CA ASP B 64 0.47 7.72 10.11
C ASP B 64 0.15 7.35 8.68
N PHE B 65 -0.44 8.27 7.92
CA PHE B 65 -0.77 7.93 6.54
C PHE B 65 0.45 7.43 5.77
N PHE B 66 1.56 8.13 5.91
CA PHE B 66 2.71 7.84 5.04
C PHE B 66 3.29 6.43 5.30
N PRO B 67 3.65 6.11 6.56
CA PRO B 67 4.10 4.73 6.80
C PRO B 67 3.05 3.67 6.51
N LEU B 68 1.77 3.92 6.83
CA LEU B 68 0.75 2.92 6.54
C LEU B 68 0.57 2.69 5.05
N SER B 69 0.66 3.75 4.25
CA SER B 69 0.54 3.61 2.80
C SER B 69 1.65 2.72 2.23
N GLN B 71 2.81 0.15 3.66
CA GLN B 71 2.61 -1.21 4.17
C GLN B 71 1.26 -1.81 3.82
N PHE B 72 0.43 -1.03 3.14
CA PHE B 72 -0.98 -1.41 2.88
C PHE B 72 -1.02 -2.77 2.19
N VAL B 73 -1.94 -3.62 2.65
CA VAL B 73 -2.14 -4.95 2.09
C VAL B 73 -3.64 -5.25 2.01
N THR B 74 -4.00 -6.22 1.20
CA THR B 74 -5.36 -6.74 1.13
C THR B 74 -5.47 -7.91 2.10
N GLN B 75 -6.54 -7.94 2.89
CA GLN B 75 -6.76 -9.09 3.74
C GLN B 75 -6.82 -10.35 2.88
N VAL B 76 -6.14 -11.40 3.33
CA VAL B 76 -5.92 -12.59 2.50
C VAL B 76 -7.14 -13.52 2.42
N ASN B 77 -8.06 -13.36 3.37
CA ASN B 77 -9.34 -14.03 3.30
C ASN B 77 -10.38 -13.13 3.93
N GLN B 78 -11.65 -13.53 3.86
CA GLN B 78 -12.76 -12.68 4.28
C GLN B 78 -12.82 -12.41 5.78
N ALA B 79 -12.01 -13.11 6.56
CA ALA B 79 -12.02 -12.95 8.03
C ALA B 79 -10.71 -12.36 8.59
N TYR B 80 -9.76 -12.05 7.71
CA TYR B 80 -8.41 -11.68 8.16
C TYR B 80 -8.15 -10.18 8.27
N CYS B 81 -9.21 -9.37 8.29
CA CYS B 81 -9.02 -7.93 8.38
C CYS B 81 -8.16 -7.51 9.57
N GLY B 82 -8.36 -8.14 10.71
CA GLY B 82 -7.54 -7.82 11.88
C GLY B 82 -6.07 -8.15 11.70
N VAL B 83 -5.77 -9.28 11.06
CA VAL B 83 -4.38 -9.67 10.85
C VAL B 83 -3.70 -8.70 9.89
N ALA B 84 -4.38 -8.37 8.78
CA ALA B 84 -3.86 -7.39 7.83
C ALA B 84 -3.57 -6.06 8.52
N SER B 85 -4.50 -5.62 9.38
CA SER B 85 -4.34 -4.37 10.12
C SER B 85 -3.13 -4.41 11.04
N ILE B 86 -3.00 -5.50 11.78
CA ILE B 86 -1.89 -5.64 12.71
C ILE B 86 -0.55 -5.60 12.00
N ILE B 87 -0.39 -6.34 10.91
CA ILE B 87 0.93 -6.41 10.27
C ILE B 87 1.33 -5.09 9.63
N VAL B 89 0.67 -2.15 10.91
CA VAL B 89 1.15 -1.34 12.03
C VAL B 89 2.49 -1.85 12.57
N LEU B 90 2.64 -3.16 12.72
CA LEU B 90 3.90 -3.70 13.24
C LEU B 90 5.07 -3.42 12.28
N ASN B 91 4.83 -3.54 10.98
CA ASN B 91 5.87 -3.18 10.00
C ASN B 91 6.19 -1.68 10.05
N SER B 92 5.16 -0.86 10.21
CA SER B 92 5.36 0.60 10.31
C SER B 92 6.19 0.97 11.53
N LEU B 93 6.01 0.22 12.61
CA LEU B 93 6.75 0.46 13.85
C LEU B 93 8.16 -0.12 13.82
N GLY B 94 8.46 -0.93 12.80
CA GLY B 94 9.77 -1.55 12.67
C GLY B 94 10.02 -2.66 13.68
N ILE B 95 8.94 -3.25 14.19
CA ILE B 95 9.00 -4.37 15.13
C ILE B 95 9.75 -5.54 14.51
N ASN B 96 10.63 -6.15 15.30
CA ASN B 96 11.38 -7.34 14.90
C ASN B 96 10.45 -8.41 14.36
N ALA B 97 10.64 -8.75 13.09
CA ALA B 97 9.70 -9.58 12.35
C ALA B 97 10.12 -11.05 12.32
N PRO B 98 9.16 -11.96 12.00
CA PRO B 98 9.46 -13.39 11.87
C PRO B 98 10.39 -13.67 10.68
N TYR B 103 12.23 -14.16 1.74
CA TYR B 103 12.83 -12.83 1.71
C TYR B 103 14.18 -12.77 2.41
N SER B 104 14.58 -13.87 3.05
CA SER B 104 15.85 -13.92 3.79
C SER B 104 17.00 -13.32 2.98
N PRO B 105 17.84 -12.48 3.60
CA PRO B 105 17.95 -12.18 5.03
C PRO B 105 16.94 -11.15 5.57
N TYR B 106 16.13 -10.57 4.68
CA TYR B 106 15.14 -9.56 5.09
C TYR B 106 13.99 -10.20 5.84
N ARG B 107 13.46 -9.47 6.82
CA ARG B 107 12.35 -9.92 7.65
C ARG B 107 11.24 -8.87 7.69
N VAL B 108 10.02 -9.33 7.48
CA VAL B 108 8.83 -8.47 7.48
C VAL B 108 7.67 -9.29 8.02
N PHE B 109 6.71 -8.63 8.67
CA PHE B 109 5.44 -9.29 8.99
C PHE B 109 4.59 -9.44 7.75
N THR B 110 3.98 -10.62 7.61
CA THR B 110 2.99 -10.87 6.58
C THR B 110 1.81 -11.57 7.25
N GLN B 111 0.67 -11.62 6.57
CA GLN B 111 -0.48 -12.34 7.10
C GLN B 111 -0.18 -13.83 7.27
N ASP B 112 0.66 -14.37 6.39
CA ASP B 112 1.03 -15.79 6.44
C ASP B 112 2.03 -16.14 7.55
N ASN B 113 2.87 -15.19 7.97
CA ASN B 113 3.82 -15.46 9.04
C ASN B 113 3.42 -14.92 10.42
N PHE B 114 2.30 -14.20 10.49
CA PHE B 114 1.91 -13.59 11.75
C PHE B 114 1.73 -14.59 12.90
N PHE B 115 1.13 -15.74 12.59
CA PHE B 115 0.86 -16.75 13.60
C PHE B 115 1.98 -17.78 13.77
N SER B 116 3.18 -17.45 13.28
CA SER B 116 4.29 -18.40 13.25
C SER B 116 5.07 -18.56 14.57
N ASN B 117 4.43 -18.24 15.69
CA ASN B 117 5.01 -18.52 17.00
C ASN B 117 3.95 -18.94 18.01
N GLU B 118 4.37 -19.62 19.06
CA GLU B 118 3.45 -20.23 20.02
C GLU B 118 2.66 -19.22 20.86
N LYS B 119 3.31 -18.12 21.25
CA LYS B 119 2.66 -17.10 22.08
C LYS B 119 1.47 -16.46 21.36
N THR B 120 1.66 -16.15 20.09
CA THR B 120 0.60 -15.57 19.27
C THR B 120 -0.56 -16.57 19.05
N LYS B 121 -0.22 -17.82 18.71
CA LYS B 121 -1.22 -18.87 18.54
C LYS B 121 -2.00 -19.16 19.81
N ALA B 122 -1.34 -18.99 20.96
CA ALA B 122 -1.97 -19.22 22.27
C ALA B 122 -3.08 -18.23 22.61
N VAL B 123 -3.06 -17.07 21.97
CA VAL B 123 -4.12 -16.08 22.15
C VAL B 123 -5.41 -16.56 21.49
N ILE B 124 -5.32 -16.90 20.21
CA ILE B 124 -6.45 -17.44 19.46
C ILE B 124 -5.89 -18.20 18.26
N ALA B 125 -6.43 -19.39 17.99
CA ALA B 125 -5.97 -20.24 16.91
C ALA B 125 -6.19 -19.58 15.54
N PRO B 126 -5.19 -19.68 14.64
CA PRO B 126 -5.30 -19.18 13.27
C PRO B 126 -6.57 -19.67 12.55
N GLU B 127 -6.88 -20.95 12.72
CA GLU B 127 -8.07 -21.55 12.15
C GLU B 127 -9.36 -20.86 12.61
N VAL B 128 -9.40 -20.44 13.87
CA VAL B 128 -10.56 -19.76 14.42
C VAL B 128 -10.70 -18.36 13.80
N VAL B 129 -9.59 -17.63 13.72
CA VAL B 129 -9.59 -16.31 13.10
C VAL B 129 -10.05 -16.40 11.63
N ALA B 130 -9.58 -17.40 10.89
CA ALA B 130 -9.98 -17.55 9.50
C ALA B 130 -11.49 -17.81 9.33
N ARG B 131 -12.12 -18.31 10.38
CA ARG B 131 -13.57 -18.58 10.37
C ARG B 131 -14.40 -17.41 10.85
N GLN B 132 -13.99 -16.80 11.96
CA GLN B 132 -14.84 -15.83 12.64
C GLN B 132 -14.18 -14.49 12.97
N GLY B 133 -12.95 -14.29 12.51
CA GLY B 133 -12.23 -13.04 12.79
C GLY B 133 -11.80 -12.96 14.24
N THR B 135 -12.15 -10.45 18.06
CA THR B 135 -12.78 -9.37 18.84
C THR B 135 -11.77 -8.28 19.15
N LEU B 136 -12.27 -7.16 19.63
CA LEU B 136 -11.40 -6.05 20.02
C LEU B 136 -10.35 -6.49 21.07
N ASP B 137 -10.79 -7.24 22.08
CA ASP B 137 -9.87 -7.70 23.12
C ASP B 137 -8.82 -8.66 22.55
N GLU B 138 -9.25 -9.53 21.63
CA GLU B 138 -8.31 -10.44 20.98
C GLU B 138 -7.29 -9.71 20.12
N LEU B 139 -7.75 -8.69 19.41
CA LEU B 139 -6.87 -7.81 18.64
C LEU B 139 -5.75 -7.25 19.55
N GLY B 140 -6.13 -6.71 20.71
CA GLY B 140 -5.16 -6.20 21.66
C GLY B 140 -4.18 -7.27 22.13
N ARG B 141 -4.69 -8.44 22.49
CA ARG B 141 -3.84 -9.52 22.97
C ARG B 141 -2.88 -10.03 21.90
N LEU B 142 -3.34 -10.08 20.65
CA LEU B 142 -2.48 -10.54 19.56
C LEU B 142 -1.31 -9.58 19.31
N ILE B 143 -1.62 -8.28 19.36
CA ILE B 143 -0.58 -7.26 19.20
C ILE B 143 0.43 -7.38 20.36
N ALA B 144 -0.08 -7.48 21.58
CA ALA B 144 0.76 -7.57 22.77
C ALA B 144 1.63 -8.83 22.79
N SER B 145 1.24 -9.86 22.05
CA SER B 145 2.03 -11.11 22.01
C SER B 145 3.39 -10.91 21.36
N TYR B 146 3.54 -9.81 20.62
CA TYR B 146 4.81 -9.44 20.01
C TYR B 146 5.58 -8.37 20.81
N GLY B 147 5.13 -8.13 22.04
CA GLY B 147 5.86 -7.27 22.99
C GLY B 147 5.66 -5.78 22.78
N VAL B 148 4.67 -5.43 21.97
CA VAL B 148 4.38 -4.04 21.65
C VAL B 148 3.33 -3.50 22.62
N LYS B 149 3.39 -2.20 22.91
CA LYS B 149 2.49 -1.57 23.87
C LYS B 149 1.13 -1.31 23.24
N VAL B 150 0.08 -1.73 23.95
CA VAL B 150 -1.27 -1.62 23.44
C VAL B 150 -2.20 -1.05 24.52
N LYS B 151 -3.13 -0.20 24.09
CA LYS B 151 -4.24 0.18 24.96
C LYS B 151 -5.54 -0.06 24.21
N VAL B 152 -6.36 -0.93 24.77
CA VAL B 152 -7.66 -1.27 24.19
C VAL B 152 -8.70 -0.33 24.76
N ASN B 153 -9.44 0.33 23.87
CA ASN B 153 -10.50 1.25 24.26
C ASN B 153 -11.84 0.83 23.69
N HIS B 154 -12.65 0.14 24.49
CA HIS B 154 -14.02 -0.12 24.10
C HIS B 154 -14.78 1.20 24.06
N ALA B 155 -15.68 1.36 23.09
CA ALA B 155 -16.47 2.59 23.01
C ALA B 155 -17.23 2.88 24.30
N SER B 156 -17.69 1.81 24.95
CA SER B 156 -18.41 1.94 26.22
C SER B 156 -17.54 2.51 27.35
N ASP B 157 -16.22 2.48 27.18
CA ASP B 157 -15.34 3.00 28.22
C ASP B 157 -14.84 4.40 27.93
N THR B 158 -15.45 5.06 26.94
CA THR B 158 -15.09 6.41 26.58
C THR B 158 -16.29 7.16 26.00
N ASN B 159 -16.03 8.24 25.28
CA ASN B 159 -17.09 9.02 24.66
C ASN B 159 -16.57 9.66 23.38
N ILE B 160 -17.48 10.22 22.59
CA ILE B 160 -17.10 10.73 21.27
C ILE B 160 -16.10 11.88 21.37
N GLU B 161 -16.24 12.74 22.38
CA GLU B 161 -15.34 13.88 22.54
C GLU B 161 -13.91 13.43 22.84
N ASP B 162 -13.77 12.46 23.74
CA ASP B 162 -12.46 11.93 24.11
C ASP B 162 -11.85 11.12 22.98
N PHE B 163 -12.67 10.35 22.27
CA PHE B 163 -12.21 9.62 21.09
C PHE B 163 -11.62 10.60 20.06
N ARG B 164 -12.39 11.62 19.71
CA ARG B 164 -11.92 12.60 18.73
C ARG B 164 -10.61 13.25 19.17
N LYS B 165 -10.57 13.73 20.41
CA LYS B 165 -9.42 14.48 20.93
C LYS B 165 -8.17 13.60 21.01
N GLN B 166 -8.30 12.42 21.61
CA GLN B 166 -7.15 11.54 21.83
C GLN B 166 -6.62 10.98 20.52
N VAL B 167 -7.52 10.59 19.64
CA VAL B 167 -7.10 10.00 18.38
C VAL B 167 -6.49 11.04 17.45
N ALA B 168 -7.07 12.24 17.35
CA ALA B 168 -6.45 13.31 16.57
C ALA B 168 -5.04 13.65 17.07
N GLU B 169 -4.86 13.62 18.39
CA GLU B 169 -3.54 13.83 19.00
C GLU B 169 -2.56 12.74 18.58
N ASN B 170 -2.98 11.48 18.71
CA ASN B 170 -2.11 10.37 18.37
C ASN B 170 -1.71 10.39 16.90
N LEU B 171 -2.65 10.78 16.05
CA LEU B 171 -2.40 10.87 14.61
C LEU B 171 -1.46 12.00 14.19
N LYS B 172 -1.05 12.84 15.14
CA LYS B 172 0.01 13.84 14.91
C LYS B 172 1.39 13.32 15.34
N GLN B 173 1.40 12.38 16.27
CA GLN B 173 2.65 11.93 16.90
C GLN B 173 3.35 10.86 16.08
N ASP B 174 4.66 10.80 16.18
CA ASP B 174 5.44 9.74 15.56
C ASP B 174 5.18 8.41 16.26
N GLY B 175 4.94 7.36 15.49
CA GLY B 175 4.88 5.99 16.00
C GLY B 175 3.77 5.65 16.99
N ASN B 176 2.64 6.35 16.90
CA ASN B 176 1.49 6.10 17.78
C ASN B 176 0.22 5.78 16.98
N PHE B 177 0.07 4.51 16.62
CA PHE B 177 -0.95 4.09 15.65
C PHE B 177 -2.28 3.76 16.30
N VAL B 178 -3.33 3.78 15.48
CA VAL B 178 -4.70 3.51 15.94
C VAL B 178 -5.37 2.55 14.97
N ILE B 179 -5.95 1.48 15.51
CA ILE B 179 -6.72 0.53 14.72
C ILE B 179 -8.16 0.57 15.25
N VAL B 180 -9.13 0.68 14.34
CA VAL B 180 -10.55 0.70 14.74
C VAL B 180 -11.27 -0.59 14.39
N ASN B 181 -12.26 -0.91 15.22
CA ASN B 181 -13.15 -2.05 15.04
C ASN B 181 -14.56 -1.48 15.03
N TYR B 182 -15.29 -1.69 13.94
CA TYR B 182 -16.55 -0.99 13.75
C TYR B 182 -17.52 -1.82 12.91
N LEU B 183 -18.81 -1.58 13.13
CA LEU B 183 -19.85 -2.23 12.36
C LEU B 183 -20.06 -1.50 11.04
N ARG B 184 -19.83 -2.19 9.93
CA ARG B 184 -19.90 -1.54 8.63
C ARG B 184 -21.25 -0.90 8.31
N LYS B 185 -22.34 -1.55 8.71
CA LYS B 185 -23.66 -1.05 8.37
C LYS B 185 -23.91 0.36 8.91
N GLU B 186 -23.29 0.69 10.05
CA GLU B 186 -23.47 2.00 10.68
C GLU B 186 -22.77 3.15 9.98
N ILE B 187 -21.87 2.85 9.05
CA ILE B 187 -21.32 3.89 8.19
C ILE B 187 -21.81 3.77 6.74
N GLY B 188 -22.75 2.87 6.50
CA GLY B 188 -23.39 2.73 5.19
C GLY B 188 -22.74 1.72 4.27
N GLN B 189 -21.92 0.85 4.84
CA GLN B 189 -21.23 -0.17 4.08
C GLN B 189 -21.76 -1.56 4.43
N GLU B 190 -21.33 -2.55 3.66
CA GLU B 190 -21.87 -3.88 3.81
C GLU B 190 -20.89 -4.85 4.44
N ARG B 191 -21.36 -5.45 5.53
CA ARG B 191 -20.94 -6.78 5.94
C ARG B 191 -20.33 -6.97 7.32
N GLY B 192 -21.04 -6.51 8.36
CA GLY B 192 -20.67 -6.88 9.74
C GLY B 192 -19.49 -6.12 10.32
N GLY B 193 -18.93 -6.68 11.39
CA GLY B 193 -17.82 -6.06 12.09
C GLY B 193 -16.53 -6.12 11.29
N HIS B 194 -15.83 -4.99 11.24
CA HIS B 194 -14.60 -4.86 10.47
C HIS B 194 -13.51 -4.25 11.34
N ILE B 195 -12.27 -4.43 10.90
CA ILE B 195 -11.09 -3.88 11.57
C ILE B 195 -10.20 -3.28 10.49
N SER B 196 -9.73 -2.04 10.72
CA SER B 196 -8.74 -1.43 9.82
C SER B 196 -8.02 -0.29 10.55
N PRO B 197 -6.79 0.05 10.12
CA PRO B 197 -6.09 1.19 10.71
C PRO B 197 -6.69 2.53 10.30
N LEU B 198 -6.52 3.53 11.16
CA LEU B 198 -6.78 4.92 10.79
C LEU B 198 -5.49 5.58 10.34
N ALA B 199 -5.61 6.43 9.33
CA ALA B 199 -4.43 7.08 8.74
C ALA B 199 -4.35 8.57 9.06
N ALA B 200 -5.51 9.22 9.22
CA ALA B 200 -5.55 10.67 9.29
C ALA B 200 -6.86 11.17 9.82
N TYR B 201 -6.83 12.42 10.29
CA TYR B 201 -8.02 13.15 10.75
C TYR B 201 -7.99 14.50 10.06
N ASN B 202 -9.12 14.86 9.45
CA ASN B 202 -9.26 16.17 8.87
C ASN B 202 -10.17 17.03 9.74
N GLU B 203 -9.56 18.06 10.31
CA GLU B 203 -10.17 18.95 11.31
C GLU B 203 -11.37 19.72 10.72
N GLN B 204 -11.18 20.23 9.51
CA GLN B 204 -12.19 21.07 8.84
C GLN B 204 -13.52 20.36 8.62
N THR B 205 -13.47 19.07 8.30
CA THR B 205 -14.68 18.29 8.00
C THR B 205 -15.03 17.31 9.11
N ASP B 206 -14.20 17.23 10.14
CA ASP B 206 -14.40 16.27 11.23
C ASP B 206 -14.53 14.84 10.69
N ARG B 207 -13.57 14.44 9.86
CA ARG B 207 -13.56 13.11 9.25
C ARG B 207 -12.25 12.38 9.51
N PHE B 208 -12.33 11.07 9.65
CA PHE B 208 -11.16 10.21 9.78
C PHE B 208 -10.99 9.36 8.52
N LEU B 209 -9.75 9.12 8.12
CA LEU B 209 -9.43 8.27 6.96
C LEU B 209 -9.17 6.84 7.43
N ILE B 210 -9.99 5.91 6.96
CA ILE B 210 -9.84 4.49 7.27
C ILE B 210 -9.11 3.79 6.12
N ASP B 212 -8.91 0.87 4.58
CA ASP B 212 -9.73 -0.33 4.55
C ASP B 212 -8.99 -1.48 3.89
N VAL B 213 -8.72 -2.54 4.66
CA VAL B 213 -7.95 -3.67 4.14
C VAL B 213 -8.76 -4.58 3.22
N SER B 214 -10.07 -4.35 3.10
CA SER B 214 -10.88 -5.08 2.12
C SER B 214 -10.76 -4.41 0.77
N ARG B 215 -9.54 -4.39 0.23
CA ARG B 215 -9.21 -3.53 -0.91
C ARG B 215 -9.93 -3.92 -2.20
N TYR B 216 -10.34 -5.18 -2.29
CA TYR B 216 -11.11 -5.73 -3.41
C TYR B 216 -12.54 -5.18 -3.48
N LYS B 217 -13.01 -4.61 -2.36
CA LYS B 217 -14.41 -4.20 -2.23
C LYS B 217 -14.60 -2.68 -2.07
N TYR B 218 -13.78 -2.06 -1.23
CA TYR B 218 -13.92 -0.64 -0.92
C TYR B 218 -12.55 0.01 -0.94
N PRO B 219 -12.49 1.30 -1.33
CA PRO B 219 -11.26 2.09 -1.18
C PRO B 219 -11.14 2.59 0.27
N PRO B 220 -10.01 3.20 0.63
CA PRO B 220 -10.00 3.96 1.86
C PRO B 220 -11.03 5.08 1.80
N VAL B 221 -11.64 5.39 2.93
CA VAL B 221 -12.73 6.37 2.98
C VAL B 221 -12.54 7.36 4.12
N TRP B 222 -12.98 8.59 3.88
CA TRP B 222 -13.10 9.59 4.93
C TRP B 222 -14.51 9.51 5.53
N VAL B 223 -14.57 9.21 6.82
CA VAL B 223 -15.83 8.99 7.53
C VAL B 223 -16.01 10.05 8.62
N LYS B 224 -17.21 10.61 8.73
CA LYS B 224 -17.49 11.56 9.81
C LYS B 224 -17.31 10.92 11.17
N THR B 225 -16.71 11.65 12.10
CA THR B 225 -16.52 11.16 13.47
C THR B 225 -17.81 10.61 14.08
N THR B 226 -18.94 11.29 13.85
CA THR B 226 -20.20 10.84 14.44
C THR B 226 -20.61 9.48 13.91
N ASP B 227 -20.33 9.21 12.62
CA ASP B 227 -20.67 7.91 12.05
C ASP B 227 -19.72 6.81 12.51
N LEU B 228 -18.43 7.12 12.58
CA LEU B 228 -17.47 6.14 13.08
C LEU B 228 -17.74 5.80 14.56
N TRP B 229 -18.05 6.83 15.34
CA TRP B 229 -18.42 6.63 16.74
C TRP B 229 -19.62 5.70 16.87
N LYS B 230 -20.69 5.99 16.14
CA LYS B 230 -21.88 5.14 16.19
C LYS B 230 -21.54 3.70 15.80
N ALA B 231 -20.62 3.54 14.85
CA ALA B 231 -20.25 2.21 14.36
C ALA B 231 -19.41 1.41 15.37
N ASN B 233 -19.67 2.05 18.72
CA ASN B 233 -20.53 1.99 19.91
C ASN B 233 -21.65 0.98 19.67
N THR B 234 -21.27 -0.18 19.16
CA THR B 234 -22.18 -1.28 18.85
C THR B 234 -21.69 -2.52 19.59
N VAL B 235 -22.59 -3.44 19.91
CA VAL B 235 -22.22 -4.64 20.65
C VAL B 235 -21.88 -5.77 19.68
N ASP B 236 -20.67 -6.29 19.82
CA ASP B 236 -20.21 -7.45 19.06
C ASP B 236 -20.78 -8.70 19.72
N SER B 237 -21.59 -9.47 18.99
CA SER B 237 -22.22 -10.67 19.55
C SER B 237 -21.21 -11.71 20.05
N VAL B 238 -20.02 -11.73 19.45
CA VAL B 238 -18.99 -12.70 19.82
C VAL B 238 -18.41 -12.42 21.21
N SER B 239 -18.19 -11.13 21.52
CA SER B 239 -17.60 -10.73 22.79
C SER B 239 -18.63 -10.33 23.84
N GLN B 240 -19.83 -9.97 23.38
CA GLN B 240 -20.85 -9.33 24.23
C GLN B 240 -20.34 -8.04 24.88
N LYS B 241 -19.43 -7.39 24.17
CA LYS B 241 -18.87 -6.10 24.55
C LYS B 241 -18.96 -5.17 23.34
N THR B 242 -18.81 -3.86 23.56
CA THR B 242 -18.80 -2.95 22.41
C THR B 242 -17.53 -3.10 21.61
N ARG B 243 -17.58 -2.59 20.38
CA ARG B 243 -16.40 -2.45 19.56
C ARG B 243 -15.64 -1.21 20.04
N GLY B 244 -14.74 -0.65 19.25
CA GLY B 244 -13.88 0.40 19.77
C GLY B 244 -12.58 0.49 18.99
N PHE B 245 -11.52 0.90 19.68
CA PHE B 245 -10.25 1.17 19.01
C PHE B 245 -9.08 0.80 19.90
N VAL B 246 -7.93 0.60 19.28
CA VAL B 246 -6.71 0.24 20.00
C VAL B 246 -5.59 1.21 19.65
N PHE B 247 -4.86 1.67 20.66
CA PHE B 247 -3.65 2.44 20.44
C PHE B 247 -2.45 1.50 20.48
N VAL B 248 -1.52 1.67 19.55
CA VAL B 248 -0.37 0.77 19.42
C VAL B 248 0.90 1.58 19.30
N SER B 249 1.89 1.27 20.15
CA SER B 249 3.20 1.94 20.06
C SER B 249 4.32 0.97 20.47
N LYS B 250 5.56 1.33 20.17
CA LYS B 250 6.72 0.53 20.57
C LYS B 250 6.89 0.55 22.09
#